data_8FHZ
#
_entry.id   8FHZ
#
_cell.length_a   24.571
_cell.length_b   42.288
_cell.length_c   119.132
_cell.angle_alpha   90.000
_cell.angle_beta   90.000
_cell.angle_gamma   90.000
#
_symmetry.space_group_name_H-M   'P 21 21 21'
#
loop_
_entity.id
_entity.type
_entity.pdbx_description
1 polymer 'Lettuce DNA aptamer'
2 non-polymer 'POTASSIUM ION'
3 non-polymer 'MAGNESIUM ION'
4 non-polymer (5Z)-5-[(3,5-difluoro-4-hydroxyphenyl)methylidene]-2-[(E)-(hydroxyimino)methyl]-3-methyl-3,5-dihydro-4H-imidazol-4-one
5 water water
#
_entity_poly.entity_id   1
_entity_poly.type   'polydeoxyribonucleotide'
_entity_poly.pdbx_seq_one_letter_code
;(DC)(DT)(DT)(DA)(DG)(DT)(DA)(DG)(DG)(DG)(DA)(DT)(DG)(DA)(DT)(DG)(DC)(DG)(DG)(DC)
(DA)(DG)(DT)(DG)(DG)(DG)(DC)(DT)(DT)(DC)(DG)(DC)(DA)(DG)(DT)(DT)(DC)(DC)(DT)(DG)
(DC)(DG)(DA)(DG)(DG)(DG)(DG)(DA)(DC)(DT)(DA)(DA)(DG)
;
_entity_poly.pdbx_strand_id   A
#
loop_
_chem_comp.id
_chem_comp.type
_chem_comp.name
_chem_comp.formula
747 non-polymer (5Z)-5-[(3,5-difluoro-4-hydroxyphenyl)methylidene]-2-[(E)-(hydroxyimino)methyl]-3-methyl-3,5-dihydro-4H-imidazol-4-one 'C12 H9 F2 N3 O3'
DA DNA linking 2'-DEOXYADENOSINE-5'-MONOPHOSPHATE 'C10 H14 N5 O6 P'
DC DNA linking 2'-DEOXYCYTIDINE-5'-MONOPHOSPHATE 'C9 H14 N3 O7 P'
DG DNA linking 2'-DEOXYGUANOSINE-5'-MONOPHOSPHATE 'C10 H14 N5 O7 P'
DT DNA linking THYMIDINE-5'-MONOPHOSPHATE 'C10 H15 N2 O8 P'
K non-polymer 'POTASSIUM ION' 'K 1'
MG non-polymer 'MAGNESIUM ION' 'Mg 2'
#
# COMPACT_ATOMS: atom_id res chain seq x y z
K K B . -4.05 0.60 -4.78
K K C . -3.53 3.49 -2.72
MG MG D . -2.49 14.63 -1.52
MG MG E . 0.17 -9.35 -5.47
MG MG F . -8.75 -21.12 -22.08
MG MG G . -2.42 -8.27 5.61
F1 747 H . -3.07 3.50 -0.01
C2 747 H . -1.78 3.12 0.01
C1 747 H . -0.81 3.68 -0.81
O1 747 H . -1.15 4.71 -1.74
C3 747 H . -1.47 2.14 0.87
C4 747 H . -0.13 1.66 0.96
C5 747 H . 0.89 2.19 0.15
C 747 H . 0.53 3.22 -0.76
F 747 H . 1.37 3.85 -1.62
C6 747 H . -0.06 0.58 2.05
C7 747 H . 0.97 -0.10 2.41
C10 747 H . 0.89 -1.41 3.16
C12 747 H . 3.17 -0.80 2.73
N13 747 H . 2.35 0.27 2.15
O14 747 H . -0.14 -1.97 3.51
N15 747 H . 2.26 -1.83 3.35
C16 747 H . 2.70 -3.05 4.03
C17 747 H . 4.75 -0.78 2.70
N18 747 H . 5.30 0.08 3.48
O19 747 H . 4.49 0.95 4.32
#